data_5JX8
#
_entry.id   5JX8
#
_cell.length_a   85.130
_cell.length_b   85.130
_cell.length_c   139.050
_cell.angle_alpha   90.00
_cell.angle_beta   90.00
_cell.angle_gamma   120.00
#
_symmetry.space_group_name_H-M   'P 32 2 1'
#
loop_
_entity.id
_entity.type
_entity.pdbx_description
1 polymer 'Uracil-DNA glycosylase'
2 non-polymer 'SULFATE ION'
3 non-polymer GLYCEROL
4 water water
#
_entity_poly.entity_id   1
_entity_poly.type   'polypeptide(L)'
_entity_poly.pdbx_seq_one_letter_code
;MGSSHHHHHHSSGLVPRGSHMNSVTVSHAPYTITYHNDWEPVMSQLVEFYNEVASWLLRDETSPIPDKFFIQLKQPLRNK
RVCVCGIDPYPKDGTGVPFESPNFTKKSIKEIASSISRLTGVIDYKGYNLNIIDGVIPWNYYLSCKLGETKSHAIYWDKI
SKLLLQHITKHVSVLYCLGKTDFSNIRAKLESPVTTIVGYHPAARDRQFEKDRSFEIINVLLELDNKAPINWAQGFIY
;
_entity_poly.pdbx_strand_id   A,B
#
loop_
_chem_comp.id
_chem_comp.type
_chem_comp.name
_chem_comp.formula
GOL non-polymer GLYCEROL 'C3 H8 O3'
SO4 non-polymer 'SULFATE ION' 'O4 S -2'
#
# COMPACT_ATOMS: atom_id res chain seq x y z
N SER A 12 21.84 8.64 4.48
CA SER A 12 23.11 7.99 4.84
C SER A 12 23.35 8.00 6.35
N GLY A 13 23.17 6.84 6.98
CA GLY A 13 23.35 6.68 8.41
C GLY A 13 22.06 6.41 9.16
N LEU A 14 20.96 7.00 8.74
CA LEU A 14 19.65 6.74 9.33
C LEU A 14 18.95 5.65 8.54
N VAL A 15 18.39 4.67 9.25
CA VAL A 15 17.70 3.55 8.63
C VAL A 15 16.24 3.96 8.41
N PRO A 16 15.73 3.91 7.17
CA PRO A 16 14.34 4.33 6.94
C PRO A 16 13.37 3.51 7.77
N ARG A 17 12.39 4.19 8.37
CA ARG A 17 11.36 3.53 9.16
C ARG A 17 9.96 4.02 8.80
N GLY A 18 9.82 4.76 7.71
CA GLY A 18 8.51 5.15 7.19
C GLY A 18 7.66 5.97 8.13
N SER A 19 8.29 6.76 9.02
CA SER A 19 7.53 7.42 10.07
C SER A 19 6.50 8.41 9.52
N HIS A 20 6.67 8.90 8.29
CA HIS A 20 5.68 9.82 7.73
C HIS A 20 4.60 9.10 6.92
N MET A 21 4.64 7.77 6.85
CA MET A 21 3.73 6.99 6.00
C MET A 21 2.62 6.39 6.85
N ASN A 22 1.37 6.70 6.50
CA ASN A 22 0.17 6.15 7.10
C ASN A 22 -0.48 5.19 6.11
N SER A 23 -1.51 4.48 6.56
CA SER A 23 -2.26 3.59 5.69
C SER A 23 -3.70 3.53 6.14
N VAL A 24 -4.60 3.27 5.20
CA VAL A 24 -6.01 3.00 5.49
C VAL A 24 -6.44 1.77 4.72
N THR A 25 -7.45 1.10 5.26
CA THR A 25 -8.08 -0.05 4.62
C THR A 25 -9.31 0.40 3.83
N VAL A 26 -9.51 -0.22 2.66
CA VAL A 26 -10.72 -0.03 1.85
C VAL A 26 -11.28 -1.40 1.52
N SER A 27 -12.54 -1.41 1.07
CA SER A 27 -13.30 -2.65 0.96
C SER A 27 -12.94 -3.47 -0.27
N HIS A 28 -12.34 -2.86 -1.27
CA HIS A 28 -12.04 -3.53 -2.53
C HIS A 28 -10.57 -3.32 -2.84
N ALA A 29 -10.10 -3.95 -3.90
CA ALA A 29 -8.72 -3.77 -4.30
C ALA A 29 -8.50 -2.28 -4.49
N PRO A 30 -7.33 -1.77 -4.09
CA PRO A 30 -6.15 -2.51 -3.59
C PRO A 30 -6.17 -2.88 -2.10
N TYR A 31 -7.31 -2.71 -1.40
CA TYR A 31 -7.51 -3.16 -0.02
C TYR A 31 -6.72 -2.36 1.01
N THR A 32 -5.53 -1.89 0.65
CA THR A 32 -4.76 -1.03 1.54
C THR A 32 -4.20 0.14 0.73
N ILE A 33 -4.38 1.35 1.23
CA ILE A 33 -3.84 2.54 0.60
C ILE A 33 -2.83 3.14 1.57
N THR A 34 -1.60 3.27 1.13
CA THR A 34 -0.59 3.91 1.94
C THR A 34 -0.34 5.31 1.39
N TYR A 35 -0.04 6.24 2.30
CA TYR A 35 -0.03 7.64 1.89
C TYR A 35 0.82 8.47 2.84
N HIS A 36 1.51 9.45 2.28
CA HIS A 36 2.24 10.39 3.11
C HIS A 36 1.28 11.12 4.04
N ASN A 37 1.78 11.37 5.26
CA ASN A 37 1.08 12.11 6.30
C ASN A 37 0.42 13.40 5.80
N ASP A 38 1.04 14.10 4.85
CA ASP A 38 0.49 15.35 4.34
C ASP A 38 -0.91 15.19 3.77
N TRP A 39 -1.30 13.99 3.36
CA TRP A 39 -2.64 13.74 2.82
C TRP A 39 -3.67 13.38 3.89
N GLU A 40 -3.27 13.26 5.15
CA GLU A 40 -4.18 12.76 6.17
C GLU A 40 -5.53 13.49 6.26
N PRO A 41 -5.62 14.81 6.09
CA PRO A 41 -6.94 15.47 6.22
C PRO A 41 -8.01 14.97 5.25
N VAL A 42 -7.66 14.35 4.13
CA VAL A 42 -8.66 13.94 3.15
C VAL A 42 -8.91 12.44 3.14
N MET A 43 -8.16 11.64 3.91
CA MET A 43 -8.18 10.21 3.64
C MET A 43 -9.46 9.54 4.12
N SER A 44 -10.07 10.00 5.21
CA SER A 44 -11.30 9.35 5.64
C SER A 44 -12.43 9.60 4.64
N GLN A 45 -12.52 10.82 4.10
CA GLN A 45 -13.46 11.06 3.01
C GLN A 45 -13.13 10.22 1.78
N LEU A 46 -11.84 10.15 1.42
CA LEU A 46 -11.46 9.35 0.26
C LEU A 46 -11.89 7.90 0.42
N VAL A 47 -11.71 7.34 1.62
CA VAL A 47 -12.10 5.95 1.85
C VAL A 47 -13.60 5.76 1.61
N GLU A 48 -14.41 6.68 2.16
CA GLU A 48 -15.86 6.58 1.97
C GLU A 48 -16.21 6.62 0.49
N PHE A 49 -15.67 7.60 -0.23
CA PHE A 49 -15.95 7.73 -1.66
C PHE A 49 -15.50 6.49 -2.42
N TYR A 50 -14.28 6.02 -2.16
CA TYR A 50 -13.75 4.89 -2.91
C TYR A 50 -14.51 3.60 -2.64
N ASN A 51 -14.97 3.41 -1.40
CA ASN A 51 -15.79 2.23 -1.13
C ASN A 51 -17.12 2.30 -1.85
N GLU A 52 -17.68 3.51 -2.03
CA GLU A 52 -18.92 3.67 -2.78
C GLU A 52 -18.76 3.20 -4.23
N VAL A 53 -17.62 3.50 -4.86
CA VAL A 53 -17.51 3.41 -6.31
C VAL A 53 -16.60 2.28 -6.79
N ALA A 54 -15.86 1.63 -5.90
CA ALA A 54 -14.78 0.76 -6.36
C ALA A 54 -15.31 -0.36 -7.24
N SER A 55 -16.50 -0.90 -6.90
CA SER A 55 -17.09 -1.97 -7.69
C SER A 55 -17.17 -1.58 -9.16
N TRP A 56 -17.74 -0.41 -9.45
CA TRP A 56 -17.87 0.05 -10.83
C TRP A 56 -16.50 0.20 -11.48
N LEU A 57 -15.51 0.70 -10.73
CA LEU A 57 -14.18 0.90 -11.30
C LEU A 57 -13.56 -0.42 -11.71
N LEU A 58 -13.55 -1.40 -10.80
CA LEU A 58 -12.75 -2.60 -11.00
C LEU A 58 -13.35 -3.58 -12.00
N ARG A 59 -14.56 -3.32 -12.51
CA ARG A 59 -15.14 -4.19 -13.53
C ARG A 59 -14.23 -4.31 -14.75
N ASP A 60 -13.59 -3.25 -15.16
CA ASP A 60 -12.77 -3.42 -16.34
C ASP A 60 -11.31 -3.31 -16.06
N GLU A 61 -10.52 -3.78 -17.00
CA GLU A 61 -9.09 -3.54 -17.04
C GLU A 61 -8.85 -2.05 -17.08
N THR A 62 -7.93 -1.57 -16.26
CA THR A 62 -7.70 -0.15 -16.10
C THR A 62 -6.25 0.20 -16.40
N SER A 63 -6.04 1.47 -16.75
CA SER A 63 -4.73 2.07 -16.67
C SER A 63 -4.80 3.14 -15.60
N PRO A 64 -3.94 3.06 -14.56
CA PRO A 64 -3.03 1.95 -14.29
C PRO A 64 -3.78 0.79 -13.63
N ILE A 65 -3.07 -0.27 -13.25
CA ILE A 65 -3.70 -1.39 -12.54
C ILE A 65 -4.16 -0.89 -11.17
N PRO A 66 -5.15 -1.54 -10.56
CA PRO A 66 -5.66 -1.05 -9.27
C PRO A 66 -4.60 -0.94 -8.20
N ASP A 67 -3.58 -1.78 -8.22
CA ASP A 67 -2.53 -1.68 -7.21
C ASP A 67 -1.71 -0.41 -7.34
N LYS A 68 -1.81 0.30 -8.46
CA LYS A 68 -1.07 1.54 -8.68
C LYS A 68 -1.97 2.78 -8.69
N PHE A 69 -3.27 2.63 -8.46
CA PHE A 69 -4.20 3.78 -8.42
C PHE A 69 -3.66 4.92 -7.57
N PHE A 70 -3.22 4.62 -6.34
CA PHE A 70 -3.01 5.65 -5.32
C PHE A 70 -1.55 5.89 -4.95
N ILE A 71 -0.59 5.34 -5.70
CA ILE A 71 0.79 5.45 -5.26
C ILE A 71 1.29 6.90 -5.24
N GLN A 72 0.69 7.81 -6.03
CA GLN A 72 1.12 9.20 -5.93
C GLN A 72 0.84 9.81 -4.57
N LEU A 73 -0.05 9.20 -3.76
CA LEU A 73 -0.29 9.72 -2.41
C LEU A 73 0.91 9.49 -1.49
N LYS A 74 1.87 8.67 -1.89
CA LYS A 74 3.11 8.56 -1.13
C LYS A 74 3.96 9.82 -1.19
N GLN A 75 3.67 10.72 -2.13
CA GLN A 75 4.46 11.93 -2.32
C GLN A 75 4.13 12.96 -1.26
N PRO A 76 5.12 13.54 -0.59
CA PRO A 76 4.86 14.70 0.28
C PRO A 76 4.25 15.86 -0.52
N LEU A 77 3.49 16.72 0.19
CA LEU A 77 2.97 17.96 -0.38
C LEU A 77 3.61 19.22 0.18
N ARG A 78 4.13 19.19 1.42
CA ARG A 78 4.64 20.42 2.02
C ARG A 78 5.86 20.98 1.31
N ASN A 79 6.59 20.14 0.55
CA ASN A 79 7.71 20.61 -0.24
C ASN A 79 7.34 20.80 -1.71
N LYS A 80 6.06 20.95 -2.04
CA LYS A 80 5.63 21.10 -3.42
C LYS A 80 5.14 22.52 -3.65
N ARG A 81 5.60 23.14 -4.73
CA ARG A 81 5.12 24.46 -5.08
C ARG A 81 4.53 24.55 -6.48
N VAL A 82 4.65 23.51 -7.31
CA VAL A 82 3.98 23.45 -8.61
C VAL A 82 3.31 22.09 -8.74
N CYS A 83 2.06 22.09 -9.18
CA CYS A 83 1.37 20.89 -9.61
C CYS A 83 1.18 20.96 -11.11
N VAL A 84 1.66 19.94 -11.82
CA VAL A 84 1.47 19.80 -13.26
C VAL A 84 0.45 18.70 -13.47
N CYS A 85 -0.74 19.06 -13.97
CA CYS A 85 -1.90 18.20 -13.93
C CYS A 85 -2.43 17.89 -15.33
N GLY A 86 -2.57 16.59 -15.63
CA GLY A 86 -3.33 16.13 -16.77
C GLY A 86 -4.65 15.53 -16.27
N ILE A 87 -5.54 15.23 -17.23
CA ILE A 87 -6.91 14.89 -16.87
C ILE A 87 -7.00 13.47 -16.31
N ASP A 88 -6.29 12.50 -16.92
CA ASP A 88 -6.34 11.14 -16.40
C ASP A 88 -5.11 10.36 -16.88
N PRO A 89 -4.92 9.08 -16.52
CA PRO A 89 -3.69 8.38 -16.92
C PRO A 89 -3.64 8.13 -18.43
N TYR A 90 -2.48 7.69 -18.89
CA TYR A 90 -2.35 7.21 -20.25
C TYR A 90 -3.38 6.11 -20.51
N PRO A 91 -3.99 6.06 -21.70
CA PRO A 91 -5.00 5.03 -21.95
C PRO A 91 -4.44 3.63 -21.78
N LYS A 92 -3.14 3.44 -21.99
CA LYS A 92 -2.47 2.18 -21.73
C LYS A 92 -1.14 2.46 -21.06
N ASP A 93 -0.67 1.48 -20.27
CA ASP A 93 0.66 1.46 -19.66
C ASP A 93 0.85 2.53 -18.60
N GLY A 94 -0.21 3.12 -18.07
CA GLY A 94 -0.05 4.00 -16.93
C GLY A 94 0.64 3.27 -15.80
N THR A 95 1.55 3.95 -15.10
CA THR A 95 2.32 3.32 -14.05
C THR A 95 1.80 3.64 -12.65
N GLY A 96 0.86 4.57 -12.53
CA GLY A 96 0.50 5.15 -11.27
C GLY A 96 1.20 6.46 -10.97
N VAL A 97 2.30 6.74 -11.68
CA VAL A 97 2.97 8.04 -11.62
C VAL A 97 2.53 8.85 -12.84
N PRO A 98 1.85 9.97 -12.65
CA PRO A 98 1.37 10.75 -13.80
C PRO A 98 2.51 11.10 -14.75
N PHE A 99 2.20 11.01 -16.05
CA PHE A 99 3.08 11.35 -17.17
C PHE A 99 4.25 10.38 -17.34
N GLU A 100 4.51 9.53 -16.34
CA GLU A 100 5.70 8.67 -16.42
C GLU A 100 5.57 7.65 -17.54
N SER A 101 6.59 7.56 -18.36
CA SER A 101 6.71 6.55 -19.39
C SER A 101 8.09 5.93 -19.29
N PRO A 102 8.23 4.76 -18.66
CA PRO A 102 9.57 4.20 -18.43
C PRO A 102 10.39 4.01 -19.70
N ASN A 103 9.81 3.46 -20.76
CA ASN A 103 10.52 3.31 -22.02
C ASN A 103 10.47 4.57 -22.90
N PHE A 104 9.90 5.67 -22.37
CA PHE A 104 9.89 6.95 -23.06
C PHE A 104 9.27 6.85 -24.45
N THR A 105 8.05 6.29 -24.52
CA THR A 105 7.30 6.19 -25.76
C THR A 105 6.04 7.04 -25.82
N LYS A 106 5.46 7.42 -24.67
CA LYS A 106 4.21 8.17 -24.69
C LYS A 106 4.43 9.58 -25.20
N LYS A 107 3.58 10.00 -26.12
CA LYS A 107 3.69 11.30 -26.79
C LYS A 107 3.66 12.54 -25.90
N SER A 108 2.94 12.46 -24.79
CA SER A 108 2.84 13.62 -23.90
C SER A 108 4.16 13.93 -23.23
N ILE A 109 4.79 12.92 -22.62
CA ILE A 109 6.03 13.19 -21.90
C ILE A 109 7.19 13.44 -22.87
N LYS A 110 7.14 12.87 -24.07
CA LYS A 110 8.12 13.23 -25.09
C LYS A 110 7.99 14.70 -25.48
N GLU A 111 6.75 15.18 -25.66
CA GLU A 111 6.52 16.58 -26.00
C GLU A 111 6.92 17.49 -24.85
N ILE A 112 6.65 17.08 -23.62
CA ILE A 112 7.07 17.89 -22.48
C ILE A 112 8.59 17.98 -22.43
N ALA A 113 9.28 16.86 -22.65
CA ALA A 113 10.73 16.85 -22.67
C ALA A 113 11.28 17.76 -23.76
N SER A 114 10.66 17.74 -24.95
CA SER A 114 11.12 18.61 -26.03
C SER A 114 10.99 20.08 -25.62
N SER A 115 9.88 20.43 -24.97
CA SER A 115 9.70 21.78 -24.48
C SER A 115 10.81 22.17 -23.51
N ILE A 116 11.06 21.32 -22.51
CA ILE A 116 12.10 21.64 -21.55
C ILE A 116 13.47 21.66 -22.23
N SER A 117 13.69 20.77 -23.20
CA SER A 117 14.93 20.80 -23.96
C SER A 117 15.13 22.15 -24.66
N ARG A 118 14.06 22.68 -25.26
CA ARG A 118 14.17 23.98 -25.92
C ARG A 118 14.32 25.11 -24.92
N LEU A 119 13.79 24.94 -23.70
CA LEU A 119 13.89 26.00 -22.71
C LEU A 119 15.25 26.03 -22.02
N THR A 120 15.89 24.87 -21.87
CA THR A 120 17.13 24.76 -21.11
C THR A 120 18.37 24.65 -21.98
N GLY A 121 18.22 24.19 -23.21
CA GLY A 121 19.37 23.92 -24.04
C GLY A 121 19.96 22.55 -23.85
N VAL A 122 19.30 21.67 -23.11
CA VAL A 122 19.76 20.29 -22.99
C VAL A 122 19.34 19.54 -24.25
N ILE A 123 20.30 18.96 -24.94
CA ILE A 123 20.08 18.34 -26.23
C ILE A 123 20.02 16.83 -26.15
N ASP A 124 20.93 16.20 -25.40
CA ASP A 124 21.02 14.75 -25.34
C ASP A 124 20.35 14.24 -24.06
N TYR A 125 19.41 13.31 -24.22
CA TYR A 125 18.77 12.65 -23.11
C TYR A 125 18.08 11.40 -23.63
N LYS A 126 17.79 10.49 -22.72
CA LYS A 126 17.09 9.26 -23.06
C LYS A 126 15.67 9.22 -22.50
N GLY A 127 15.33 10.08 -21.55
CA GLY A 127 14.00 10.09 -20.99
C GLY A 127 13.73 11.36 -20.23
N TYR A 128 12.51 11.46 -19.70
CA TYR A 128 12.10 12.59 -18.88
C TYR A 128 11.03 12.13 -17.91
N ASN A 129 11.09 12.64 -16.67
CA ASN A 129 10.14 12.25 -15.63
C ASN A 129 9.83 13.47 -14.78
N LEU A 130 8.57 13.93 -14.83
CA LEU A 130 8.16 15.05 -13.98
C LEU A 130 8.20 14.70 -12.51
N ASN A 131 8.27 13.42 -12.15
CA ASN A 131 8.16 13.04 -10.76
C ASN A 131 9.48 13.11 -9.99
N ILE A 132 10.58 13.50 -10.63
CA ILE A 132 11.87 13.54 -9.94
C ILE A 132 12.39 14.96 -9.93
N ILE A 133 11.48 15.93 -9.92
CA ILE A 133 11.82 17.34 -9.96
C ILE A 133 11.44 17.96 -8.63
N ASP A 134 12.44 18.50 -7.92
CA ASP A 134 12.18 19.16 -6.64
C ASP A 134 11.08 20.21 -6.79
N GLY A 135 10.04 20.09 -5.98
CA GLY A 135 8.98 21.08 -5.94
C GLY A 135 7.83 20.84 -6.90
N VAL A 136 7.92 19.85 -7.76
CA VAL A 136 6.85 19.55 -8.71
C VAL A 136 6.14 18.29 -8.26
N ILE A 137 4.81 18.36 -8.13
CA ILE A 137 4.03 17.12 -8.06
C ILE A 137 3.26 16.99 -9.37
N PRO A 138 3.58 16.00 -10.19
CA PRO A 138 2.73 15.68 -11.34
C PRO A 138 1.48 14.95 -10.89
N TRP A 139 0.36 15.22 -11.56
CA TRP A 139 -0.92 14.76 -11.05
C TRP A 139 -1.84 14.35 -12.19
N ASN A 140 -2.64 13.32 -11.93
CA ASN A 140 -3.75 12.90 -12.79
C ASN A 140 -5.05 13.25 -12.08
N TYR A 141 -5.87 14.09 -12.71
CA TYR A 141 -7.11 14.50 -12.07
C TYR A 141 -7.98 13.29 -11.75
N TYR A 142 -8.26 12.47 -12.77
CA TYR A 142 -8.85 11.15 -12.58
C TYR A 142 -7.73 10.11 -12.45
N LEU A 143 -7.87 9.19 -11.49
CA LEU A 143 -6.77 8.29 -11.17
C LEU A 143 -6.76 7.01 -11.98
N SER A 144 -7.77 6.78 -12.83
CA SER A 144 -7.75 5.63 -13.71
C SER A 144 -8.61 5.91 -14.93
N CYS A 145 -8.40 5.11 -15.97
CA CYS A 145 -9.30 5.06 -17.10
C CYS A 145 -9.47 3.60 -17.51
N LYS A 146 -10.62 3.29 -18.09
CA LYS A 146 -10.79 1.99 -18.73
C LYS A 146 -9.74 1.84 -19.82
N LEU A 147 -9.17 0.65 -19.91
CA LEU A 147 -8.04 0.43 -20.81
C LEU A 147 -8.38 0.87 -22.22
N GLY A 148 -7.65 1.89 -22.71
CA GLY A 148 -7.79 2.36 -24.07
C GLY A 148 -8.84 3.43 -24.31
N GLU A 149 -9.48 3.94 -23.26
CA GLU A 149 -10.54 4.94 -23.41
C GLU A 149 -10.30 6.09 -22.46
N THR A 150 -9.83 7.22 -23.01
CA THR A 150 -9.55 8.40 -22.20
C THR A 150 -10.82 8.98 -21.58
N LYS A 151 -10.72 9.35 -20.30
CA LYS A 151 -11.77 9.98 -19.48
C LYS A 151 -12.95 9.05 -19.22
N SER A 152 -12.83 7.75 -19.49
CA SER A 152 -13.95 6.82 -19.32
C SER A 152 -14.31 6.56 -17.86
N HIS A 153 -13.49 7.00 -16.90
CA HIS A 153 -13.79 6.81 -15.49
C HIS A 153 -14.04 8.12 -14.76
N ALA A 154 -14.31 9.19 -15.52
CA ALA A 154 -14.64 10.48 -14.91
C ALA A 154 -15.76 10.38 -13.88
N ILE A 155 -16.81 9.62 -14.19
CA ILE A 155 -17.98 9.60 -13.31
C ILE A 155 -17.66 8.92 -11.98
N TYR A 156 -16.72 7.97 -11.97
CA TYR A 156 -16.40 7.26 -10.73
C TYR A 156 -15.48 8.10 -9.84
N TRP A 157 -14.50 8.78 -10.44
CA TRP A 157 -13.52 9.53 -9.67
C TRP A 157 -14.03 10.89 -9.22
N ASP A 158 -15.07 11.42 -9.86
CA ASP A 158 -15.63 12.76 -9.68
C ASP A 158 -15.34 13.40 -8.33
N LYS A 159 -16.00 12.94 -7.27
CA LYS A 159 -15.85 13.58 -5.97
C LYS A 159 -14.45 13.35 -5.37
N ILE A 160 -13.85 12.19 -5.62
CA ILE A 160 -12.49 11.97 -5.12
C ILE A 160 -11.54 12.97 -5.77
N SER A 161 -11.69 13.18 -7.08
CA SER A 161 -10.80 14.07 -7.82
C SER A 161 -10.88 15.49 -7.31
N LYS A 162 -12.09 15.98 -7.05
CA LYS A 162 -12.25 17.33 -6.47
C LYS A 162 -11.57 17.40 -5.11
N LEU A 163 -11.80 16.40 -4.26
CA LEU A 163 -11.20 16.36 -2.93
C LEU A 163 -9.68 16.44 -3.01
N LEU A 164 -9.06 15.65 -3.88
CA LEU A 164 -7.60 15.58 -3.92
C LEU A 164 -6.99 16.85 -4.53
N LEU A 165 -7.55 17.33 -5.65
CA LEU A 165 -7.05 18.56 -6.25
C LEU A 165 -7.18 19.74 -5.30
N GLN A 166 -8.33 19.85 -4.64
CA GLN A 166 -8.54 20.89 -3.64
C GLN A 166 -7.47 20.84 -2.55
N HIS A 167 -7.11 19.64 -2.10
CA HIS A 167 -6.05 19.51 -1.09
C HIS A 167 -4.69 19.91 -1.67
N ILE A 168 -4.41 19.52 -2.91
CA ILE A 168 -3.12 19.90 -3.51
C ILE A 168 -2.99 21.42 -3.58
N THR A 169 -4.04 22.12 -4.02
CA THR A 169 -3.93 23.57 -4.21
C THR A 169 -3.79 24.34 -2.91
N LYS A 170 -3.99 23.71 -1.75
CA LYS A 170 -3.64 24.35 -0.49
C LYS A 170 -2.14 24.34 -0.25
N HIS A 171 -1.39 23.51 -0.97
CA HIS A 171 0.05 23.41 -0.79
C HIS A 171 0.84 24.07 -1.91
N VAL A 172 0.45 23.87 -3.18
CA VAL A 172 1.22 24.44 -4.27
C VAL A 172 0.87 25.90 -4.49
N SER A 173 1.83 26.64 -5.05
CA SER A 173 1.60 28.04 -5.41
C SER A 173 1.12 28.20 -6.84
N VAL A 174 1.48 27.27 -7.74
CA VAL A 174 1.07 27.32 -9.12
C VAL A 174 0.46 25.97 -9.51
N LEU A 175 -0.72 26.00 -10.11
CA LEU A 175 -1.35 24.83 -10.70
C LEU A 175 -1.34 24.97 -12.20
N TYR A 176 -0.78 23.98 -12.88
CA TYR A 176 -0.67 24.02 -14.34
C TYR A 176 -1.46 22.86 -14.90
N CYS A 177 -2.60 23.17 -15.53
CA CYS A 177 -3.47 22.17 -16.14
C CYS A 177 -3.17 22.07 -17.63
N LEU A 178 -3.06 20.85 -18.12
CA LEU A 178 -2.73 20.59 -19.52
C LEU A 178 -3.96 20.03 -20.23
N GLY A 179 -4.53 20.84 -21.12
CA GLY A 179 -5.65 20.41 -21.95
C GLY A 179 -6.87 21.27 -21.73
N LYS A 180 -7.07 22.29 -22.57
CA LYS A 180 -8.19 23.21 -22.39
C LYS A 180 -9.52 22.48 -22.48
N THR A 181 -9.66 21.57 -23.45
CA THR A 181 -10.89 20.81 -23.57
C THR A 181 -11.04 19.84 -22.40
N ASP A 182 -9.99 19.06 -22.12
CA ASP A 182 -10.02 18.05 -21.06
C ASP A 182 -10.53 18.63 -19.75
N PHE A 183 -10.10 19.85 -19.42
CA PHE A 183 -10.44 20.42 -18.12
C PHE A 183 -11.70 21.28 -18.16
N SER A 184 -12.48 21.22 -19.23
CA SER A 184 -13.79 21.86 -19.23
C SER A 184 -14.74 21.13 -18.27
N ASN A 185 -15.48 21.91 -17.50
CA ASN A 185 -16.61 21.45 -16.69
C ASN A 185 -16.20 20.60 -15.49
N ILE A 186 -14.93 20.56 -15.09
CA ILE A 186 -14.60 19.66 -13.99
C ILE A 186 -15.22 20.14 -12.69
N ARG A 187 -15.50 21.41 -12.56
CA ARG A 187 -16.14 21.93 -11.37
C ARG A 187 -15.42 21.70 -10.05
N ALA A 188 -14.11 21.61 -10.10
CA ALA A 188 -13.37 21.42 -8.87
C ALA A 188 -13.49 22.67 -8.05
N LYS A 189 -14.23 22.61 -6.97
CA LYS A 189 -14.39 23.76 -6.12
C LYS A 189 -13.20 23.99 -5.24
N LEU A 190 -12.31 24.87 -5.65
CA LEU A 190 -11.18 25.19 -4.82
C LEU A 190 -11.64 26.05 -3.65
N GLU A 191 -11.02 25.85 -2.51
CA GLU A 191 -11.34 26.59 -1.28
C GLU A 191 -10.87 28.04 -1.36
N SER A 192 -9.62 28.26 -1.76
CA SER A 192 -9.16 29.60 -2.09
C SER A 192 -8.70 29.60 -3.55
N PRO A 193 -8.85 30.72 -4.27
CA PRO A 193 -8.24 30.79 -5.60
C PRO A 193 -6.73 30.66 -5.49
N VAL A 194 -6.15 29.97 -6.47
CA VAL A 194 -4.71 29.77 -6.54
C VAL A 194 -4.28 30.14 -7.95
N THR A 195 -3.04 30.60 -8.07
CA THR A 195 -2.51 30.90 -9.40
C THR A 195 -2.56 29.66 -10.26
N THR A 196 -3.24 29.77 -11.39
CA THR A 196 -3.53 28.64 -12.26
C THR A 196 -3.23 29.04 -13.70
N ILE A 197 -2.62 28.13 -14.44
CA ILE A 197 -2.51 28.25 -15.89
C ILE A 197 -3.22 27.06 -16.48
N VAL A 198 -4.13 27.31 -17.41
CA VAL A 198 -4.72 26.25 -18.19
C VAL A 198 -4.10 26.36 -19.58
N GLY A 199 -3.23 25.42 -19.92
CA GLY A 199 -2.58 25.40 -21.21
C GLY A 199 -3.08 24.30 -22.10
N TYR A 200 -2.38 24.13 -23.22
CA TYR A 200 -2.74 23.15 -24.23
C TYR A 200 -2.34 21.76 -23.79
N HIS A 201 -2.95 20.77 -24.41
CA HIS A 201 -2.53 19.39 -24.20
C HIS A 201 -1.10 19.21 -24.71
N PRO A 202 -0.28 18.41 -24.05
CA PRO A 202 1.11 18.24 -24.52
C PRO A 202 1.20 17.66 -25.90
N ALA A 203 0.29 16.78 -26.28
CA ALA A 203 0.29 16.16 -27.60
C ALA A 203 -0.46 16.99 -28.64
N ALA A 204 -0.94 18.18 -28.27
CA ALA A 204 -1.61 19.04 -29.23
C ALA A 204 -0.66 19.43 -30.36
N ARG A 205 -1.25 19.74 -31.51
CA ARG A 205 -0.52 19.99 -32.75
C ARG A 205 -0.34 21.50 -32.91
N ASP A 206 0.75 21.86 -33.59
CA ASP A 206 1.08 23.24 -33.96
C ASP A 206 1.06 24.34 -32.90
N ARG A 207 1.37 24.00 -31.66
CA ARG A 207 1.41 25.02 -30.61
C ARG A 207 2.70 24.90 -29.80
N GLN A 208 3.80 24.62 -30.49
CA GLN A 208 5.09 24.50 -29.84
C GLN A 208 5.43 25.74 -29.03
N PHE A 209 5.22 26.92 -29.61
CA PHE A 209 5.59 28.16 -28.93
C PHE A 209 4.84 28.32 -27.62
N GLU A 210 3.52 28.11 -27.64
CA GLU A 210 2.74 28.31 -26.43
C GLU A 210 2.96 27.20 -25.41
N LYS A 211 3.24 25.98 -25.87
CA LYS A 211 3.64 24.93 -24.95
C LYS A 211 4.97 25.24 -24.28
N ASP A 212 5.97 25.68 -25.06
CA ASP A 212 7.25 26.05 -24.46
C ASP A 212 7.07 27.17 -23.46
N ARG A 213 6.32 28.19 -23.84
CA ARG A 213 6.21 29.40 -23.03
C ARG A 213 5.39 29.16 -21.77
N SER A 214 4.49 28.17 -21.78
CA SER A 214 3.69 27.88 -20.59
C SER A 214 4.57 27.40 -19.44
N PHE A 215 5.53 26.52 -19.73
CA PHE A 215 6.48 26.13 -18.71
C PHE A 215 7.32 27.31 -18.25
N GLU A 216 7.69 28.18 -19.19
CA GLU A 216 8.59 29.27 -18.84
C GLU A 216 7.97 30.21 -17.82
N ILE A 217 6.68 30.52 -17.98
CA ILE A 217 6.01 31.49 -17.11
C ILE A 217 5.87 30.98 -15.68
N ILE A 218 5.84 29.66 -15.48
CA ILE A 218 5.64 29.11 -14.13
C ILE A 218 6.68 29.66 -13.16
N ASN A 219 7.95 29.69 -13.58
CA ASN A 219 9.00 30.21 -12.70
C ASN A 219 8.89 31.70 -12.49
N VAL A 220 8.40 32.43 -13.50
CA VAL A 220 8.07 33.84 -13.31
C VAL A 220 7.01 33.98 -12.24
N LEU A 221 5.95 33.16 -12.33
CA LEU A 221 4.86 33.23 -11.38
C LEU A 221 5.32 32.90 -9.97
N LEU A 222 6.22 31.92 -9.85
CA LEU A 222 6.77 31.55 -8.55
C LEU A 222 7.56 32.68 -7.92
N GLU A 223 8.31 33.44 -8.73
CA GLU A 223 9.12 34.52 -8.15
C GLU A 223 8.24 35.66 -7.68
N LEU A 224 7.15 35.95 -8.41
CA LEU A 224 6.16 36.91 -7.90
C LEU A 224 5.65 36.50 -6.55
N ASP A 225 5.53 35.18 -6.32
CA ASP A 225 5.10 34.64 -5.04
C ASP A 225 6.25 34.49 -4.06
N ASN A 226 7.45 34.94 -4.42
CA ASN A 226 8.64 34.84 -3.57
C ASN A 226 8.98 33.38 -3.28
N LYS A 227 8.75 32.52 -4.26
CA LYS A 227 9.05 31.10 -4.18
C LYS A 227 10.20 30.76 -5.11
N ALA A 228 10.97 29.75 -4.74
CA ALA A 228 12.12 29.37 -5.55
C ALA A 228 11.66 28.82 -6.90
N PRO A 229 12.45 29.03 -7.95
CA PRO A 229 12.08 28.48 -9.26
C PRO A 229 12.16 26.96 -9.30
N ILE A 230 11.53 26.39 -10.31
CA ILE A 230 11.72 24.98 -10.62
C ILE A 230 12.92 24.84 -11.55
N ASN A 231 13.79 23.85 -11.27
CA ASN A 231 14.84 23.45 -12.22
C ASN A 231 14.31 22.30 -13.05
N TRP A 232 13.67 22.63 -14.17
CA TRP A 232 12.99 21.62 -14.97
C TRP A 232 13.96 20.57 -15.51
N ALA A 233 15.23 20.94 -15.70
CA ALA A 233 16.23 20.00 -16.19
C ALA A 233 16.45 18.82 -15.24
N GLN A 234 16.04 18.93 -13.98
CA GLN A 234 16.11 17.79 -13.08
C GLN A 234 15.32 16.59 -13.57
N GLY A 235 14.32 16.82 -14.43
CA GLY A 235 13.52 15.72 -14.94
C GLY A 235 14.18 14.85 -15.99
N PHE A 236 15.29 15.31 -16.58
CA PHE A 236 15.91 14.58 -17.67
C PHE A 236 16.54 13.30 -17.17
N ILE A 237 16.30 12.21 -17.89
CA ILE A 237 16.93 10.94 -17.61
C ILE A 237 18.06 10.74 -18.63
N TYR A 238 19.28 10.56 -18.13
CA TYR A 238 20.42 10.22 -18.97
C TYR A 238 20.84 8.77 -18.72
N GLY B 18 -5.61 -10.27 -11.76
CA GLY B 18 -6.74 -9.71 -11.04
C GLY B 18 -6.51 -9.65 -9.54
N SER B 19 -7.40 -8.95 -8.82
CA SER B 19 -7.29 -8.84 -7.36
C SER B 19 -8.70 -8.78 -6.78
N HIS B 20 -9.16 -9.91 -6.23
CA HIS B 20 -10.56 -10.10 -5.87
C HIS B 20 -10.66 -11.37 -5.02
N MET B 21 -11.87 -11.61 -4.49
CA MET B 21 -12.12 -12.75 -3.62
C MET B 21 -12.62 -13.93 -4.43
N ASN B 22 -12.12 -15.12 -4.10
CA ASN B 22 -12.59 -16.40 -4.60
C ASN B 22 -13.16 -17.20 -3.44
N SER B 23 -13.66 -18.40 -3.75
CA SER B 23 -14.30 -19.22 -2.73
C SER B 23 -14.17 -20.69 -3.09
N VAL B 24 -14.04 -21.55 -2.07
CA VAL B 24 -14.05 -23.01 -2.24
C VAL B 24 -14.91 -23.61 -1.14
N THR B 25 -15.45 -24.80 -1.41
CA THR B 25 -16.25 -25.53 -0.44
C THR B 25 -15.43 -26.62 0.21
N VAL B 26 -15.70 -26.86 1.50
CA VAL B 26 -15.11 -28.00 2.20
C VAL B 26 -16.25 -28.79 2.85
N SER B 27 -15.94 -30.04 3.20
CA SER B 27 -16.99 -30.96 3.63
C SER B 27 -17.52 -30.65 5.02
N HIS B 28 -16.69 -30.10 5.89
CA HIS B 28 -17.09 -29.78 7.26
C HIS B 28 -17.08 -28.27 7.47
N ALA B 29 -17.63 -27.86 8.61
CA ALA B 29 -17.57 -26.48 9.04
C ALA B 29 -16.14 -25.96 8.88
N PRO B 30 -15.99 -24.72 8.38
CA PRO B 30 -17.04 -23.75 8.05
C PRO B 30 -17.68 -23.90 6.66
N TYR B 31 -17.49 -25.04 6.00
CA TYR B 31 -18.19 -25.39 4.76
C TYR B 31 -17.76 -24.57 3.56
N THR B 32 -17.44 -23.30 3.76
CA THR B 32 -17.01 -22.43 2.67
C THR B 32 -15.83 -21.58 3.12
N ILE B 33 -14.83 -21.46 2.27
CA ILE B 33 -13.62 -20.69 2.56
C ILE B 33 -13.50 -19.62 1.48
N THR B 34 -13.66 -18.36 1.88
CA THR B 34 -13.41 -17.22 1.00
C THR B 34 -11.95 -16.78 1.16
N TYR B 35 -11.30 -16.47 0.04
CA TYR B 35 -9.88 -16.18 0.05
C TYR B 35 -9.51 -15.20 -1.05
N HIS B 36 -8.48 -14.42 -0.78
CA HIS B 36 -7.95 -13.54 -1.82
C HIS B 36 -7.23 -14.36 -2.87
N ASN B 37 -7.35 -13.94 -4.13
CA ASN B 37 -6.84 -14.72 -5.26
C ASN B 37 -5.33 -14.97 -5.19
N ASP B 38 -4.57 -14.16 -4.45
CA ASP B 38 -3.15 -14.46 -4.27
C ASP B 38 -2.93 -15.83 -3.65
N TRP B 39 -3.93 -16.37 -2.95
CA TRP B 39 -3.81 -17.68 -2.34
C TRP B 39 -4.23 -18.83 -3.27
N GLU B 40 -4.79 -18.51 -4.44
CA GLU B 40 -5.29 -19.55 -5.34
C GLU B 40 -4.35 -20.76 -5.52
N PRO B 41 -3.02 -20.61 -5.68
CA PRO B 41 -2.18 -21.79 -5.94
C PRO B 41 -2.21 -22.89 -4.88
N VAL B 42 -2.60 -22.60 -3.63
CA VAL B 42 -2.58 -23.63 -2.58
C VAL B 42 -3.98 -24.07 -2.17
N MET B 43 -5.03 -23.53 -2.77
CA MET B 43 -6.36 -23.77 -2.22
C MET B 43 -6.86 -25.18 -2.46
N SER B 44 -6.55 -25.79 -3.61
CA SER B 44 -7.04 -27.16 -3.82
C SER B 44 -6.32 -28.13 -2.89
N GLN B 45 -5.01 -27.95 -2.68
CA GLN B 45 -4.32 -28.78 -1.70
C GLN B 45 -4.86 -28.53 -0.29
N LEU B 46 -5.18 -27.27 0.03
CA LEU B 46 -5.70 -26.97 1.36
C LEU B 46 -7.04 -27.64 1.58
N VAL B 47 -7.90 -27.63 0.57
CA VAL B 47 -9.19 -28.30 0.68
C VAL B 47 -8.99 -29.78 0.97
N GLU B 48 -8.15 -30.44 0.16
CA GLU B 48 -7.89 -31.86 0.34
C GLU B 48 -7.37 -32.13 1.75
N PHE B 49 -6.38 -31.34 2.20
CA PHE B 49 -5.84 -31.50 3.54
C PHE B 49 -6.89 -31.26 4.62
N TYR B 50 -7.72 -30.22 4.47
CA TYR B 50 -8.65 -29.88 5.52
C TYR B 50 -9.77 -30.90 5.63
N ASN B 51 -10.22 -31.45 4.50
CA ASN B 51 -11.24 -32.48 4.57
C ASN B 51 -10.72 -33.72 5.28
N GLU B 52 -9.43 -34.03 5.10
CA GLU B 52 -8.83 -35.18 5.79
C GLU B 52 -8.92 -35.02 7.31
N VAL B 53 -8.70 -33.82 7.83
CA VAL B 53 -8.48 -33.65 9.27
C VAL B 53 -9.64 -32.98 9.98
N ALA B 54 -10.61 -32.41 9.26
CA ALA B 54 -11.56 -31.50 9.90
C ALA B 54 -12.36 -32.21 11.00
N SER B 55 -12.80 -33.44 10.76
CA SER B 55 -13.64 -34.14 11.72
C SER B 55 -12.93 -34.27 13.07
N TRP B 56 -11.68 -34.75 13.06
CA TRP B 56 -10.89 -34.77 14.29
C TRP B 56 -10.78 -33.38 14.90
N LEU B 57 -10.75 -32.34 14.06
CA LEU B 57 -10.45 -30.98 14.54
C LEU B 57 -11.63 -30.38 15.29
N LEU B 58 -12.81 -30.36 14.67
CA LEU B 58 -14.01 -29.70 15.18
C LEU B 58 -14.63 -30.39 16.37
N ARG B 59 -14.04 -31.49 16.85
CA ARG B 59 -14.55 -32.14 18.04
C ARG B 59 -14.51 -31.21 19.24
N ASP B 60 -13.41 -30.48 19.40
CA ASP B 60 -13.22 -29.59 20.53
C ASP B 60 -13.71 -28.19 20.21
N GLU B 61 -14.09 -27.45 21.26
CA GLU B 61 -14.21 -26.01 21.15
C GLU B 61 -12.84 -25.41 20.82
N THR B 62 -12.83 -24.44 19.92
CA THR B 62 -11.58 -23.93 19.38
C THR B 62 -11.47 -22.42 19.54
N SER B 63 -10.23 -21.96 19.46
CA SER B 63 -9.91 -20.56 19.32
C SER B 63 -9.11 -20.43 18.03
N PRO B 64 -9.63 -19.68 17.05
CA PRO B 64 -10.94 -19.02 17.05
C PRO B 64 -12.03 -20.03 16.72
N ILE B 65 -13.28 -19.58 16.60
CA ILE B 65 -14.37 -20.47 16.19
C ILE B 65 -14.13 -20.92 14.75
N PRO B 66 -14.70 -22.05 14.33
CA PRO B 66 -14.46 -22.52 12.95
C PRO B 66 -14.80 -21.51 11.86
N ASP B 67 -15.79 -20.64 12.08
CA ASP B 67 -16.11 -19.64 11.06
C ASP B 67 -14.99 -18.64 10.83
N LYS B 68 -14.02 -18.55 11.73
CA LYS B 68 -12.95 -17.59 11.62
C LYS B 68 -11.59 -18.24 11.42
N PHE B 69 -11.56 -19.57 11.26
CA PHE B 69 -10.31 -20.28 11.00
C PHE B 69 -9.48 -19.59 9.92
N PHE B 70 -10.12 -19.29 8.79
CA PHE B 70 -9.40 -18.98 7.56
C PHE B 70 -9.56 -17.53 7.10
N ILE B 71 -10.15 -16.66 7.94
CA ILE B 71 -10.46 -15.32 7.45
C ILE B 71 -9.20 -14.55 7.08
N GLN B 72 -8.03 -14.95 7.62
CA GLN B 72 -6.79 -14.25 7.24
C GLN B 72 -6.39 -14.54 5.80
N LEU B 73 -6.95 -15.57 5.18
CA LEU B 73 -6.76 -15.80 3.75
C LEU B 73 -7.42 -14.71 2.90
N LYS B 74 -8.24 -13.84 3.49
CA LYS B 74 -8.75 -12.69 2.74
C LYS B 74 -7.69 -11.61 2.53
N GLN B 75 -6.49 -11.73 3.15
CA GLN B 75 -5.45 -10.74 2.93
C GLN B 75 -4.75 -10.97 1.59
N PRO B 76 -4.50 -9.91 0.82
CA PRO B 76 -3.57 -10.03 -0.30
C PRO B 76 -2.19 -10.38 0.21
N LEU B 77 -1.40 -11.01 -0.65
CA LEU B 77 0.02 -11.23 -0.37
C LEU B 77 0.92 -10.35 -1.21
N ARG B 78 0.43 -9.90 -2.37
CA ARG B 78 1.22 -9.11 -3.29
C ARG B 78 1.74 -7.83 -2.64
N ASN B 79 1.01 -7.28 -1.67
CA ASN B 79 1.43 -6.05 -1.00
C ASN B 79 2.02 -6.31 0.39
N LYS B 80 2.56 -7.52 0.62
CA LYS B 80 3.11 -7.91 1.90
C LYS B 80 4.60 -8.15 1.76
N ARG B 81 5.39 -7.55 2.65
CA ARG B 81 6.83 -7.79 2.62
C ARG B 81 7.37 -8.30 3.94
N VAL B 82 6.56 -8.35 4.99
CA VAL B 82 6.96 -8.89 6.28
C VAL B 82 5.84 -9.77 6.80
N CYS B 83 6.18 -10.98 7.22
CA CYS B 83 5.28 -11.84 7.96
C CYS B 83 5.75 -11.89 9.41
N VAL B 84 4.88 -11.49 10.32
CA VAL B 84 5.07 -11.62 11.75
C VAL B 84 4.24 -12.82 12.18
N CYS B 85 4.91 -13.86 12.68
CA CYS B 85 4.30 -15.18 12.82
C CYS B 85 4.43 -15.66 14.25
N GLY B 86 3.29 -15.89 14.91
CA GLY B 86 3.22 -16.65 16.14
C GLY B 86 2.77 -18.09 15.86
N ILE B 87 2.87 -18.95 16.87
CA ILE B 87 2.77 -20.39 16.59
C ILE B 87 1.32 -20.81 16.39
N ASP B 88 0.38 -20.22 17.11
CA ASP B 88 -1.03 -20.58 16.96
C ASP B 88 -1.86 -19.48 17.61
N PRO B 89 -3.19 -19.52 17.48
CA PRO B 89 -4.01 -18.42 18.02
C PRO B 89 -3.92 -18.34 19.54
N TYR B 90 -4.44 -17.24 20.07
CA TYR B 90 -4.59 -17.08 21.51
C TYR B 90 -5.32 -18.29 22.07
N PRO B 91 -4.94 -18.79 23.26
CA PRO B 91 -5.70 -19.88 23.87
C PRO B 91 -7.18 -19.58 23.96
N LYS B 92 -7.56 -18.32 24.21
CA LYS B 92 -8.94 -17.89 24.22
C LYS B 92 -9.14 -16.57 23.49
N ASP B 93 -10.34 -16.42 22.92
CA ASP B 93 -10.85 -15.19 22.31
C ASP B 93 -10.19 -14.86 20.99
N GLY B 94 -9.51 -15.81 20.37
CA GLY B 94 -8.96 -15.58 19.04
C GLY B 94 -10.05 -15.16 18.06
N THR B 95 -9.72 -14.19 17.22
CA THR B 95 -10.70 -13.61 16.32
C THR B 95 -10.58 -14.15 14.90
N GLY B 96 -9.57 -14.98 14.63
CA GLY B 96 -9.19 -15.28 13.27
C GLY B 96 -8.16 -14.35 12.69
N VAL B 97 -7.92 -13.20 13.31
CA VAL B 97 -6.84 -12.30 12.93
C VAL B 97 -5.68 -12.52 13.91
N PRO B 98 -4.53 -12.97 13.44
CA PRO B 98 -3.44 -13.27 14.38
C PRO B 98 -3.04 -12.04 15.18
N PHE B 99 -2.83 -12.26 16.48
CA PHE B 99 -2.41 -11.26 17.46
C PHE B 99 -3.51 -10.28 17.83
N GLU B 100 -4.62 -10.24 17.08
CA GLU B 100 -5.63 -9.22 17.30
C GLU B 100 -6.36 -9.44 18.62
N SER B 101 -6.50 -8.36 19.38
CA SER B 101 -7.25 -8.37 20.64
C SER B 101 -8.11 -7.10 20.66
N PRO B 102 -9.38 -7.19 20.31
CA PRO B 102 -10.21 -5.98 20.21
C PRO B 102 -10.27 -5.13 21.47
N ASN B 103 -10.34 -5.73 22.65
CA ASN B 103 -10.36 -4.96 23.88
C ASN B 103 -8.97 -4.74 24.46
N PHE B 104 -7.91 -5.11 23.73
CA PHE B 104 -6.52 -4.86 24.11
C PHE B 104 -6.20 -5.42 25.49
N THR B 105 -6.51 -6.70 25.69
CA THR B 105 -6.24 -7.36 26.96
C THR B 105 -5.18 -8.45 26.89
N LYS B 106 -4.92 -9.01 25.70
CA LYS B 106 -4.00 -10.13 25.60
C LYS B 106 -2.56 -9.68 25.75
N LYS B 107 -1.75 -10.52 26.41
CA LYS B 107 -0.41 -10.11 26.82
C LYS B 107 0.51 -9.88 25.63
N SER B 108 0.43 -10.73 24.62
CA SER B 108 1.38 -10.65 23.51
C SER B 108 1.25 -9.34 22.75
N ILE B 109 0.02 -8.89 22.49
CA ILE B 109 -0.12 -7.68 21.68
C ILE B 109 0.19 -6.44 22.51
N LYS B 110 -0.09 -6.48 23.82
CA LYS B 110 0.31 -5.37 24.68
C LYS B 110 1.82 -5.25 24.78
N GLU B 111 2.50 -6.39 24.86
CA GLU B 111 3.97 -6.38 24.85
C GLU B 111 4.51 -5.91 23.51
N ILE B 112 3.94 -6.38 22.40
CA ILE B 112 4.37 -5.88 21.10
C ILE B 112 4.14 -4.37 21.02
N ALA B 113 2.94 -3.93 21.42
CA ALA B 113 2.62 -2.51 21.41
C ALA B 113 3.64 -1.71 22.23
N SER B 114 4.04 -2.22 23.40
CA SER B 114 5.02 -1.51 24.22
C SER B 114 6.37 -1.40 23.51
N SER B 115 6.81 -2.50 22.88
CA SER B 115 8.02 -2.45 22.07
C SER B 115 7.93 -1.37 21.00
N ILE B 116 6.82 -1.35 20.28
CA ILE B 116 6.68 -0.36 19.21
C ILE B 116 6.65 1.05 19.80
N SER B 117 5.94 1.21 20.92
CA SER B 117 5.95 2.48 21.64
C SER B 117 7.37 2.93 21.99
N ARG B 118 8.20 2.00 22.49
CA ARG B 118 9.57 2.36 22.80
C ARG B 118 10.39 2.60 21.56
N LEU B 119 10.05 1.97 20.44
CA LEU B 119 10.83 2.15 19.22
C LEU B 119 10.51 3.47 18.53
N THR B 120 9.24 3.86 18.53
CA THR B 120 8.76 5.00 17.76
C THR B 120 8.60 6.26 18.58
N GLY B 121 8.41 6.13 19.88
CA GLY B 121 8.14 7.27 20.71
C GLY B 121 6.67 7.64 20.83
N VAL B 122 5.77 6.81 20.29
CA VAL B 122 4.34 7.03 20.53
C VAL B 122 4.04 6.71 22.00
N ILE B 123 3.50 7.69 22.71
CA ILE B 123 3.26 7.59 24.15
C ILE B 123 1.84 7.14 24.46
N ASP B 124 0.86 7.78 23.84
CA ASP B 124 -0.55 7.57 24.16
C ASP B 124 -1.21 6.75 23.07
N TYR B 125 -1.90 5.68 23.47
CA TYR B 125 -2.67 4.85 22.56
C TYR B 125 -3.58 3.98 23.39
N LYS B 126 -4.65 3.51 22.77
CA LYS B 126 -5.60 2.62 23.42
C LYS B 126 -5.47 1.17 22.96
N GLY B 127 -4.79 0.91 21.85
CA GLY B 127 -4.66 -0.45 21.37
C GLY B 127 -3.67 -0.55 20.25
N TYR B 128 -3.54 -1.77 19.71
CA TYR B 128 -2.56 -2.04 18.68
C TYR B 128 -3.00 -3.25 17.86
N ASN B 129 -2.82 -3.17 16.56
CA ASN B 129 -3.23 -4.26 15.68
C ASN B 129 -2.20 -4.39 14.57
N LEU B 130 -1.52 -5.54 14.51
CA LEU B 130 -0.57 -5.79 13.43
C LEU B 130 -1.26 -5.85 12.07
N ASN B 131 -2.57 -6.10 12.04
CA ASN B 131 -3.27 -6.33 10.79
C ASN B 131 -3.61 -5.06 10.02
N ILE B 132 -3.21 -3.87 10.50
CA ILE B 132 -3.56 -2.63 9.80
C ILE B 132 -2.28 -1.89 9.41
N ILE B 133 -1.21 -2.62 9.17
CA ILE B 133 0.08 -2.03 8.85
C ILE B 133 0.41 -2.38 7.42
N ASP B 134 0.64 -1.37 6.59
CA ASP B 134 1.02 -1.63 5.22
C ASP B 134 2.26 -2.49 5.18
N GLY B 135 2.21 -3.57 4.40
CA GLY B 135 3.36 -4.44 4.23
C GLY B 135 3.49 -5.58 5.23
N VAL B 136 2.69 -5.61 6.29
CA VAL B 136 2.76 -6.65 7.31
C VAL B 136 1.55 -7.56 7.16
N ILE B 137 1.79 -8.87 7.10
CA ILE B 137 0.76 -9.87 7.32
C ILE B 137 1.08 -10.60 8.63
N PRO B 138 0.31 -10.39 9.69
CA PRO B 138 0.49 -11.21 10.89
C PRO B 138 -0.10 -12.59 10.62
N TRP B 139 0.46 -13.60 11.28
CA TRP B 139 0.15 -14.97 10.91
C TRP B 139 0.23 -15.90 12.11
N ASN B 140 -0.65 -16.90 12.12
CA ASN B 140 -0.65 -18.00 13.09
C ASN B 140 -0.24 -19.26 12.37
N TYR B 141 0.86 -19.88 12.81
CA TYR B 141 1.35 -21.05 12.09
C TYR B 141 0.28 -22.13 12.04
N TYR B 142 -0.22 -22.54 13.21
CA TYR B 142 -1.43 -23.35 13.30
C TYR B 142 -2.63 -22.43 13.40
N LEU B 143 -3.68 -22.73 12.65
CA LEU B 143 -4.81 -21.80 12.59
C LEU B 143 -5.84 -22.02 13.69
N SER B 144 -5.67 -23.03 14.54
CA SER B 144 -6.57 -23.22 15.66
C SER B 144 -5.83 -23.87 16.82
N CYS B 145 -6.38 -23.70 18.02
CA CYS B 145 -6.00 -24.50 19.17
C CYS B 145 -7.27 -24.95 19.88
N LYS B 146 -7.20 -26.14 20.49
CA LYS B 146 -8.24 -26.52 21.44
C LYS B 146 -8.31 -25.47 22.53
N LEU B 147 -9.53 -25.14 22.94
CA LEU B 147 -9.77 -24.01 23.83
C LEU B 147 -9.01 -24.12 25.14
N GLY B 148 -8.12 -23.18 25.40
CA GLY B 148 -7.41 -23.11 26.66
C GLY B 148 -6.07 -23.79 26.69
N GLU B 149 -5.63 -24.36 25.57
CA GLU B 149 -4.42 -25.19 25.56
C GLU B 149 -3.64 -24.87 24.29
N THR B 150 -2.52 -24.18 24.46
CA THR B 150 -1.69 -23.77 23.35
C THR B 150 -1.07 -24.98 22.67
N LYS B 151 -0.97 -24.92 21.34
CA LYS B 151 -0.35 -25.93 20.50
C LYS B 151 -1.13 -27.24 20.47
N SER B 152 -2.37 -27.24 20.93
CA SER B 152 -3.20 -28.45 20.96
C SER B 152 -3.49 -29.00 19.58
N HIS B 153 -3.39 -28.20 18.52
CA HIS B 153 -3.84 -28.66 17.22
C HIS B 153 -2.72 -28.74 16.21
N ALA B 154 -1.47 -28.82 16.68
CA ALA B 154 -0.34 -29.00 15.78
C ALA B 154 -0.51 -30.22 14.88
N ILE B 155 -1.02 -31.33 15.43
CA ILE B 155 -1.11 -32.56 14.66
C ILE B 155 -2.06 -32.38 13.49
N TYR B 156 -3.15 -31.65 13.68
CA TYR B 156 -4.16 -31.50 12.63
C TYR B 156 -3.73 -30.52 11.54
N TRP B 157 -3.08 -29.42 11.92
CA TRP B 157 -2.75 -28.37 10.95
C TRP B 157 -1.45 -28.63 10.22
N ASP B 158 -0.68 -29.64 10.66
CA ASP B 158 0.68 -29.92 10.23
C ASP B 158 0.96 -29.59 8.77
N LYS B 159 0.35 -30.33 7.84
CA LYS B 159 0.66 -30.17 6.43
C LYS B 159 0.13 -28.85 5.89
N ILE B 160 -1.03 -28.42 6.39
CA ILE B 160 -1.61 -27.16 5.94
C ILE B 160 -0.72 -25.99 6.33
N SER B 161 -0.27 -25.99 7.59
CA SER B 161 0.62 -24.95 8.10
C SER B 161 1.88 -24.84 7.25
N LYS B 162 2.48 -25.97 6.87
CA LYS B 162 3.63 -25.91 5.97
C LYS B 162 3.25 -25.33 4.63
N LEU B 163 2.13 -25.80 4.08
CA LEU B 163 1.68 -25.33 2.78
C LEU B 163 1.50 -23.80 2.76
N LEU B 164 0.81 -23.27 3.77
CA LEU B 164 0.52 -21.83 3.77
C LEU B 164 1.77 -20.99 4.03
N LEU B 165 2.62 -21.41 4.97
CA LEU B 165 3.82 -20.62 5.27
C LEU B 165 4.77 -20.61 4.07
N GLN B 166 4.98 -21.77 3.44
CA GLN B 166 5.74 -21.82 2.18
C GLN B 166 5.22 -20.82 1.18
N HIS B 167 3.90 -20.72 1.05
CA HIS B 167 3.33 -19.78 0.08
C HIS B 167 3.59 -18.34 0.52
N ILE B 168 3.47 -18.07 1.82
CA ILE B 168 3.68 -16.70 2.30
C ILE B 168 5.10 -16.24 2.00
N THR B 169 6.09 -17.10 2.29
CA THR B 169 7.48 -16.71 2.12
C THR B 169 7.90 -16.56 0.65
N LYS B 170 7.05 -16.94 -0.30
CA LYS B 170 7.31 -16.57 -1.68
C LYS B 170 6.98 -15.11 -1.95
N HIS B 171 6.15 -14.50 -1.12
CA HIS B 171 5.75 -13.13 -1.28
C HIS B 171 6.51 -12.17 -0.36
N VAL B 172 6.62 -12.51 0.92
CA VAL B 172 7.26 -11.59 1.85
C VAL B 172 8.77 -11.67 1.73
N SER B 173 9.43 -10.57 2.12
CA SER B 173 10.88 -10.48 2.09
C SER B 173 11.51 -10.89 3.42
N VAL B 174 10.81 -10.69 4.54
CA VAL B 174 11.29 -11.07 5.87
C VAL B 174 10.23 -11.88 6.57
N LEU B 175 10.64 -12.99 7.20
CA LEU B 175 9.78 -13.79 8.07
C LEU B 175 10.27 -13.66 9.50
N TYR B 176 9.38 -13.23 10.39
CA TYR B 176 9.71 -12.97 11.78
C TYR B 176 8.85 -13.89 12.64
N CYS B 177 9.48 -14.89 13.24
CA CYS B 177 8.81 -15.86 14.10
C CYS B 177 9.05 -15.50 15.56
N LEU B 178 7.97 -15.43 16.34
CA LEU B 178 8.03 -15.11 17.75
C LEU B 178 7.93 -16.40 18.56
N GLY B 179 8.98 -16.69 19.33
CA GLY B 179 8.98 -17.84 20.21
C GLY B 179 9.99 -18.89 19.79
N LYS B 180 11.15 -18.90 20.45
CA LYS B 180 12.22 -19.80 20.05
C LYS B 180 11.86 -21.25 20.34
N THR B 181 11.29 -21.53 21.51
CA THR B 181 10.84 -22.88 21.80
C THR B 181 9.61 -23.23 20.95
N ASP B 182 8.64 -22.30 20.89
CA ASP B 182 7.43 -22.52 20.11
C ASP B 182 7.74 -23.02 18.70
N PHE B 183 8.78 -22.46 18.07
CA PHE B 183 9.09 -22.78 16.68
C PHE B 183 10.19 -23.82 16.54
N SER B 184 10.59 -24.49 17.63
CA SER B 184 11.54 -25.58 17.51
C SER B 184 10.90 -26.80 16.87
N ASN B 185 11.62 -27.39 15.91
CA ASN B 185 11.23 -28.59 15.17
C ASN B 185 9.98 -28.39 14.33
N ILE B 186 9.68 -27.16 13.94
CA ILE B 186 8.51 -26.92 13.08
C ILE B 186 8.68 -27.57 11.71
N ARG B 187 9.91 -27.64 11.18
CA ARG B 187 10.22 -28.47 10.01
C ARG B 187 9.46 -28.01 8.77
N ALA B 188 9.05 -26.74 8.73
CA ALA B 188 8.18 -26.29 7.66
C ALA B 188 8.87 -26.17 6.31
N LYS B 189 10.21 -26.31 6.28
CA LYS B 189 11.02 -26.44 5.06
C LYS B 189 10.50 -25.72 3.82
N LEU B 190 11.12 -24.60 3.47
CA LEU B 190 10.66 -23.81 2.34
C LEU B 190 11.39 -24.20 1.06
N GLU B 191 10.73 -23.90 -0.04
CA GLU B 191 11.19 -24.19 -1.37
C GLU B 191 12.44 -23.39 -1.65
N SER B 192 12.53 -22.21 -1.06
CA SER B 192 13.70 -21.37 -1.24
C SER B 192 13.89 -20.60 0.06
N PRO B 193 15.16 -20.59 0.60
CA PRO B 193 15.30 -19.84 1.85
C PRO B 193 14.97 -18.36 1.69
N VAL B 194 14.58 -17.77 2.80
CA VAL B 194 14.23 -16.37 2.82
C VAL B 194 14.76 -15.81 4.10
N THR B 195 14.93 -14.51 4.15
CA THR B 195 15.46 -13.89 5.34
C THR B 195 14.52 -14.12 6.50
N THR B 196 15.02 -14.72 7.56
CA THR B 196 14.20 -15.08 8.67
C THR B 196 14.81 -14.69 9.96
N ILE B 197 13.98 -14.43 10.94
CA ILE B 197 14.46 -14.10 12.23
C ILE B 197 13.58 -14.75 13.23
N VAL B 198 14.18 -15.48 14.12
CA VAL B 198 13.46 -16.16 15.18
C VAL B 198 13.77 -15.41 16.45
N GLY B 199 12.79 -14.68 16.96
CA GLY B 199 12.93 -13.93 18.18
C GLY B 199 12.20 -14.60 19.34
N TYR B 200 12.19 -13.89 20.47
CA TYR B 200 11.56 -14.41 21.67
C TYR B 200 10.06 -14.18 21.63
N HIS B 201 9.36 -14.98 22.42
CA HIS B 201 7.93 -14.81 22.57
C HIS B 201 7.62 -13.43 23.13
N PRO B 202 6.55 -12.77 22.66
CA PRO B 202 6.28 -11.39 23.13
C PRO B 202 6.08 -11.30 24.63
N ALA B 203 5.47 -12.31 25.25
CA ALA B 203 5.24 -12.29 26.69
C ALA B 203 6.44 -12.77 27.48
N ALA B 204 7.60 -12.97 26.84
CA ALA B 204 8.77 -13.47 27.55
C ALA B 204 9.22 -12.47 28.59
N ARG B 205 9.83 -12.97 29.65
CA ARG B 205 10.25 -12.15 30.77
C ARG B 205 11.63 -11.54 30.51
N ASP B 206 11.75 -10.24 30.81
CA ASP B 206 13.05 -9.58 30.98
C ASP B 206 13.94 -9.71 29.74
N ARG B 207 13.37 -9.49 28.57
CA ARG B 207 14.12 -9.44 27.33
C ARG B 207 13.71 -8.23 26.51
N GLN B 208 13.44 -7.12 27.19
CA GLN B 208 12.89 -5.95 26.51
C GLN B 208 13.81 -5.49 25.39
N PHE B 209 15.12 -5.49 25.66
CA PHE B 209 16.06 -4.97 24.67
C PHE B 209 16.07 -5.82 23.41
N GLU B 210 15.97 -7.14 23.54
CA GLU B 210 15.98 -8.00 22.36
C GLU B 210 14.63 -7.96 21.64
N LYS B 211 13.54 -7.86 22.41
CA LYS B 211 12.23 -7.71 21.80
C LYS B 211 12.13 -6.38 21.03
N ASP B 212 12.52 -5.27 21.67
CA ASP B 212 12.51 -3.99 20.99
C ASP B 212 13.39 -4.01 19.75
N ARG B 213 14.60 -4.56 19.87
CA ARG B 213 15.55 -4.55 18.77
C ARG B 213 15.13 -5.47 17.62
N SER B 214 14.48 -6.60 17.90
CA SER B 214 14.10 -7.51 16.83
C SER B 214 13.18 -6.82 15.82
N PHE B 215 12.28 -5.98 16.30
CA PHE B 215 11.45 -5.22 15.39
C PHE B 215 12.28 -4.20 14.61
N GLU B 216 13.21 -3.53 15.29
CA GLU B 216 13.97 -2.44 14.67
C GLU B 216 14.76 -2.93 13.47
N ILE B 217 15.36 -4.11 13.57
CA ILE B 217 16.23 -4.58 12.50
C ILE B 217 15.47 -5.13 11.30
N ILE B 218 14.15 -5.30 11.39
CA ILE B 218 13.40 -5.73 10.20
C ILE B 218 13.52 -4.69 9.09
N ASN B 219 13.44 -3.41 9.45
CA ASN B 219 13.59 -2.35 8.45
C ASN B 219 15.01 -2.31 7.87
N VAL B 220 16.01 -2.64 8.68
CA VAL B 220 17.38 -2.76 8.17
C VAL B 220 17.42 -3.84 7.09
N LEU B 221 16.82 -4.99 7.38
CA LEU B 221 16.80 -6.09 6.42
C LEU B 221 16.04 -5.71 5.16
N LEU B 222 14.87 -5.09 5.33
CA LEU B 222 14.11 -4.63 4.17
C LEU B 222 14.93 -3.67 3.30
N GLU B 223 15.67 -2.75 3.94
CA GLU B 223 16.49 -1.82 3.17
C GLU B 223 17.52 -2.58 2.33
N LEU B 224 18.14 -3.61 2.91
CA LEU B 224 19.10 -4.43 2.17
C LEU B 224 18.47 -5.04 0.93
N ASP B 225 17.21 -5.45 1.03
CA ASP B 225 16.48 -6.02 -0.08
C ASP B 225 15.90 -4.96 -1.00
N ASN B 226 16.21 -3.69 -0.75
CA ASN B 226 15.61 -2.56 -1.44
C ASN B 226 14.07 -2.67 -1.43
N LYS B 227 13.53 -2.88 -0.24
CA LYS B 227 12.08 -2.86 0.01
C LYS B 227 11.73 -1.70 0.92
N ALA B 228 10.49 -1.24 0.82
CA ALA B 228 10.05 -0.09 1.61
C ALA B 228 9.97 -0.46 3.09
N PRO B 229 10.36 0.44 3.99
CA PRO B 229 10.32 0.11 5.42
C PRO B 229 8.89 -0.10 5.90
N ILE B 230 8.76 -0.72 7.07
CA ILE B 230 7.50 -0.81 7.79
C ILE B 230 7.40 0.39 8.73
N ASN B 231 6.25 1.07 8.71
CA ASN B 231 5.96 2.02 9.79
C ASN B 231 5.13 1.31 10.84
N TRP B 232 5.82 0.76 11.86
CA TRP B 232 5.14 0.01 12.90
C TRP B 232 4.13 0.85 13.65
N ALA B 233 4.27 2.18 13.63
CA ALA B 233 3.30 3.03 14.32
C ALA B 233 1.93 3.00 13.66
N GLN B 234 1.82 2.54 12.41
CA GLN B 234 0.52 2.38 11.78
C GLN B 234 -0.38 1.41 12.55
N GLY B 235 0.21 0.56 13.41
CA GLY B 235 -0.59 -0.39 14.17
C GLY B 235 -1.36 0.22 15.34
N PHE B 236 -0.96 1.39 15.82
CA PHE B 236 -1.58 1.95 17.02
C PHE B 236 -3.05 2.29 16.79
N ILE B 237 -3.86 2.08 17.82
CA ILE B 237 -5.26 2.50 17.81
C ILE B 237 -5.43 3.57 18.88
N TYR B 238 -5.90 4.74 18.47
CA TYR B 238 -6.10 5.87 19.39
C TYR B 238 -7.58 6.07 19.67
S SO4 C . -6.44 21.70 -26.16
O1 SO4 C . -5.92 22.56 -25.11
O2 SO4 C . -5.48 20.72 -26.64
O3 SO4 C . -6.85 22.54 -27.29
O4 SO4 C . -7.60 21.00 -25.63
S SO4 D . -7.16 1.10 9.10
O1 SO4 D . -6.40 1.94 10.01
O2 SO4 D . -8.06 0.24 9.87
O3 SO4 D . -7.97 1.93 8.19
O4 SO4 D . -6.25 0.28 8.31
C1 GOL E . 12.19 7.38 5.88
O1 GOL E . 11.53 6.35 5.19
C2 GOL E . 11.53 7.55 7.24
O2 GOL E . 10.51 8.50 7.16
C3 GOL E . 12.56 8.01 8.27
O3 GOL E . 11.84 8.33 9.45
C1 GOL F . -0.69 10.96 -18.70
O1 GOL F . -1.48 12.13 -18.83
C2 GOL F . -0.85 10.30 -17.32
O2 GOL F . -0.46 11.22 -16.33
C3 GOL F . 0.00 9.04 -17.19
O3 GOL F . -0.47 8.06 -16.29
S SO4 G . 11.28 -18.14 24.13
O1 SO4 G . 10.73 -19.39 23.56
O2 SO4 G . 12.36 -18.48 25.03
O3 SO4 G . 10.21 -17.46 24.87
O4 SO4 G . 11.81 -17.35 23.02
C1 GOL H . -2.62 -15.15 17.53
O1 GOL H . -3.91 -14.93 18.05
C2 GOL H . -1.45 -14.77 18.44
O2 GOL H . -1.66 -15.12 19.78
C3 GOL H . -0.20 -15.51 17.97
O3 GOL H . 0.42 -16.07 19.11
C1 GOL I . -2.95 -13.30 28.37
O1 GOL I . -4.33 -13.24 28.63
C2 GOL I . -2.23 -13.94 29.56
O2 GOL I . -3.13 -14.73 30.31
C3 GOL I . -1.13 -14.85 29.02
O3 GOL I . 0.13 -14.28 29.32
#